data_7X3H
#
_entry.id   7X3H
#
_cell.length_a   55.635
_cell.length_b   51.103
_cell.length_c   64.917
_cell.angle_alpha   90.000
_cell.angle_beta   115.280
_cell.angle_gamma   90.000
#
_symmetry.space_group_name_H-M   'P 1 21 1'
#
loop_
_entity.id
_entity.type
_entity.pdbx_description
1 polymer 'CBg-ParM triple mutant R204D, K230D and N234D'
2 water water
#
_entity_poly.entity_id   1
_entity_poly.type   'polypeptide(L)'
_entity_poly.pdbx_seq_one_letter_code
;GMKITVVDLGNINVKYVGENKGRFSSKITNDYQSYEEGFQRVEYNGIKTYIGVGELSSREFNADRDYMAQLLYSLAKANT
ADTKEINLTLLLPIIQMKNKTRLIETLKGENFKFKFNGIDREIKINDLMVLPEGYASYYSLDDIENKGDVCILDLGSRTI
NICVLENAKIVKTNTIKLGSFDFYSKIKSLENAKGEDYIEEDIQDLIDNGLIKVDSKQYIEFLSDILNAVDPYVDLKTYN
TIFTGGTSLMLKEYIEKLPLNKFKVHPNALTSNVDGAMEASKKVWNNNGN
;
_entity_poly.pdbx_strand_id   A
#
# COMPACT_ATOMS: atom_id res chain seq x y z
N GLY A 1 -3.89 -16.64 26.30
CA GLY A 1 -3.44 -15.56 25.38
C GLY A 1 -3.54 -15.93 23.91
N MET A 2 -4.49 -15.33 23.20
CA MET A 2 -4.59 -15.48 21.76
C MET A 2 -3.33 -14.92 21.09
N LYS A 3 -2.69 -15.75 20.27
CA LYS A 3 -1.46 -15.31 19.62
C LYS A 3 -1.77 -14.30 18.53
N ILE A 4 -0.81 -13.40 18.30
CA ILE A 4 -0.94 -12.35 17.31
C ILE A 4 0.14 -12.55 16.25
N THR A 5 -0.22 -12.26 15.00
CA THR A 5 0.76 -12.22 13.90
C THR A 5 0.55 -10.95 13.11
N VAL A 6 1.66 -10.32 12.73
CA VAL A 6 1.68 -9.18 11.83
C VAL A 6 2.22 -9.65 10.48
N VAL A 7 1.51 -9.31 9.41
CA VAL A 7 2.00 -9.62 8.07
C VAL A 7 1.90 -8.34 7.24
N ASP A 8 3.01 -7.94 6.64
CA ASP A 8 3.08 -6.77 5.78
C ASP A 8 3.29 -7.25 4.35
N LEU A 9 2.23 -7.17 3.53
CA LEU A 9 2.28 -7.65 2.16
C LEU A 9 2.72 -6.50 1.25
N GLY A 10 4.04 -6.28 1.22
CA GLY A 10 4.59 -5.18 0.46
C GLY A 10 4.76 -5.52 -1.01
N ASN A 11 4.99 -4.49 -1.80
CA ASN A 11 5.12 -4.69 -3.23
C ASN A 11 6.49 -5.24 -3.62
N ILE A 12 7.52 -5.05 -2.80
CA ILE A 12 8.86 -5.56 -3.07
C ILE A 12 9.20 -6.76 -2.18
N ASN A 13 8.92 -6.63 -0.88
N ASN A 13 8.89 -6.66 -0.89
CA ASN A 13 9.11 -7.73 0.05
CA ASN A 13 9.12 -7.75 0.04
C ASN A 13 7.90 -7.89 0.95
C ASN A 13 7.97 -7.87 1.02
N VAL A 14 7.77 -9.09 1.50
CA VAL A 14 6.79 -9.41 2.52
C VAL A 14 7.55 -9.61 3.83
N LYS A 15 7.02 -9.06 4.93
CA LYS A 15 7.60 -9.22 6.25
C LYS A 15 6.53 -9.75 7.20
N TYR A 16 6.95 -10.58 8.16
CA TYR A 16 6.00 -11.11 9.13
C TYR A 16 6.65 -11.22 10.51
N VAL A 17 5.81 -11.13 11.54
CA VAL A 17 6.23 -11.32 12.93
C VAL A 17 5.12 -12.09 13.66
N GLY A 18 5.46 -13.29 14.12
CA GLY A 18 4.62 -14.03 15.05
C GLY A 18 5.52 -14.59 16.13
N GLU A 19 5.53 -15.90 16.32
CA GLU A 19 6.58 -16.53 17.11
C GLU A 19 7.94 -16.32 16.46
N ASN A 20 7.98 -16.36 15.14
CA ASN A 20 9.17 -16.12 14.36
C ASN A 20 8.98 -14.86 13.51
N LYS A 21 10.10 -14.29 13.08
CA LYS A 21 10.10 -13.12 12.20
C LYS A 21 10.85 -13.45 10.91
N GLY A 22 10.50 -12.76 9.83
CA GLY A 22 11.12 -13.07 8.56
C GLY A 22 10.72 -12.07 7.50
N ARG A 23 11.41 -12.19 6.37
CA ARG A 23 11.23 -11.33 5.21
C ARG A 23 11.53 -12.19 4.00
N PHE A 24 10.72 -12.04 2.95
CA PHE A 24 10.98 -12.73 1.69
C PHE A 24 10.52 -11.84 0.54
N SER A 25 11.05 -12.15 -0.65
CA SER A 25 10.70 -11.41 -1.86
C SER A 25 9.23 -11.60 -2.21
N SER A 26 8.61 -10.53 -2.70
CA SER A 26 7.21 -10.58 -3.15
C SER A 26 7.05 -11.18 -4.53
N LYS A 27 8.13 -11.62 -5.16
CA LYS A 27 8.02 -12.35 -6.41
C LYS A 27 7.25 -13.64 -6.23
N ILE A 28 6.44 -13.98 -7.22
CA ILE A 28 5.72 -15.25 -7.22
C ILE A 28 5.67 -15.78 -8.65
N THR A 29 5.46 -17.09 -8.75
CA THR A 29 5.13 -17.68 -10.03
C THR A 29 4.33 -18.95 -9.82
N ASN A 30 3.53 -19.31 -10.83
CA ASN A 30 2.87 -20.61 -10.87
C ASN A 30 3.51 -21.55 -11.89
N ASP A 31 4.66 -21.16 -12.46
CA ASP A 31 5.31 -22.00 -13.45
C ASP A 31 5.66 -23.37 -12.88
N TYR A 32 5.49 -24.40 -13.71
CA TYR A 32 5.78 -25.77 -13.30
C TYR A 32 7.25 -25.92 -12.96
N GLN A 33 7.53 -26.61 -11.86
CA GLN A 33 8.89 -26.94 -11.45
C GLN A 33 9.06 -28.45 -11.42
N SER A 34 10.09 -28.95 -12.10
CA SER A 34 10.37 -30.37 -12.06
C SER A 34 10.99 -30.80 -10.74
N TYR A 35 11.56 -29.88 -9.98
CA TYR A 35 12.11 -30.15 -8.65
C TYR A 35 11.43 -29.24 -7.64
N GLU A 36 10.15 -29.50 -7.38
CA GLU A 36 9.33 -28.65 -6.50
C GLU A 36 9.93 -28.53 -5.10
N GLU A 37 10.55 -29.60 -4.60
CA GLU A 37 11.11 -29.62 -3.25
C GLU A 37 12.24 -28.63 -3.05
N GLY A 38 12.81 -28.09 -4.12
CA GLY A 38 13.83 -27.07 -4.00
C GLY A 38 13.32 -25.67 -3.82
N PHE A 39 12.01 -25.49 -3.65
CA PHE A 39 11.41 -24.17 -3.65
C PHE A 39 10.51 -23.96 -2.43
N GLN A 40 10.39 -22.69 -2.04
CA GLN A 40 9.36 -22.27 -1.11
C GLN A 40 8.03 -22.22 -1.85
N ARG A 41 6.99 -22.82 -1.29
CA ARG A 41 5.76 -22.94 -2.04
C ARG A 41 4.56 -23.17 -1.13
N VAL A 42 3.40 -22.82 -1.66
CA VAL A 42 2.13 -23.09 -1.01
CA VAL A 42 2.11 -23.05 -1.01
C VAL A 42 1.17 -23.65 -2.05
N GLU A 43 0.30 -24.54 -1.59
CA GLU A 43 -0.79 -25.05 -2.40
C GLU A 43 -2.08 -24.73 -1.66
N TYR A 44 -2.95 -23.93 -2.28
CA TYR A 44 -4.20 -23.52 -1.65
C TYR A 44 -5.29 -23.50 -2.72
N ASN A 45 -6.42 -24.14 -2.43
CA ASN A 45 -7.58 -24.12 -3.32
C ASN A 45 -7.19 -24.53 -4.74
N GLY A 46 -6.31 -25.53 -4.82
CA GLY A 46 -5.93 -26.12 -6.08
C GLY A 46 -4.86 -25.38 -6.86
N ILE A 47 -4.30 -24.31 -6.31
CA ILE A 47 -3.27 -23.53 -6.98
C ILE A 47 -1.97 -23.71 -6.22
N LYS A 48 -0.91 -24.07 -6.94
CA LYS A 48 0.44 -24.17 -6.37
C LYS A 48 1.18 -22.89 -6.76
N THR A 49 1.62 -22.15 -5.76
CA THR A 49 2.33 -20.89 -5.95
C THR A 49 3.73 -21.01 -5.38
N TYR A 50 4.74 -20.67 -6.19
CA TYR A 50 6.12 -20.62 -5.74
C TYR A 50 6.43 -19.23 -5.22
N ILE A 51 7.06 -19.19 -4.05
CA ILE A 51 7.16 -17.98 -3.23
C ILE A 51 8.59 -17.46 -3.33
N GLY A 52 8.73 -16.18 -3.66
CA GLY A 52 10.03 -15.53 -3.66
C GLY A 52 10.82 -15.71 -4.93
N VAL A 53 10.22 -16.31 -5.95
CA VAL A 53 10.83 -16.48 -7.25
C VAL A 53 9.78 -16.16 -8.29
N GLY A 54 10.25 -15.83 -9.49
CA GLY A 54 9.35 -15.47 -10.55
C GLY A 54 9.39 -13.98 -10.81
N GLU A 55 8.23 -13.35 -10.83
CA GLU A 55 8.14 -11.93 -11.13
C GLU A 55 7.28 -11.23 -10.09
N LEU A 56 7.54 -9.95 -9.90
CA LEU A 56 6.63 -9.09 -9.15
C LEU A 56 5.38 -8.86 -9.99
N SER A 57 4.22 -9.13 -9.42
CA SER A 57 2.96 -9.14 -10.18
C SER A 57 2.40 -7.72 -10.37
N ALA A 63 -4.15 -9.64 -7.44
CA ALA A 63 -4.79 -10.94 -7.48
C ALA A 63 -5.17 -11.42 -6.07
N ASP A 64 -6.38 -11.98 -5.95
CA ASP A 64 -6.81 -12.55 -4.67
C ASP A 64 -5.94 -13.74 -4.30
N ARG A 65 -5.71 -14.65 -5.25
CA ARG A 65 -4.96 -15.85 -4.94
C ARG A 65 -3.50 -15.54 -4.61
N ASP A 66 -2.96 -14.44 -5.12
CA ASP A 66 -1.57 -14.08 -4.81
C ASP A 66 -1.43 -13.60 -3.38
N TYR A 67 -2.33 -12.71 -2.93
CA TYR A 67 -2.30 -12.30 -1.54
C TYR A 67 -2.53 -13.50 -0.62
N MET A 68 -3.49 -14.38 -0.96
CA MET A 68 -3.73 -15.55 -0.11
C MET A 68 -2.49 -16.43 -0.03
N ALA A 69 -1.81 -16.66 -1.16
CA ALA A 69 -0.60 -17.47 -1.16
C ALA A 69 0.46 -16.88 -0.25
N GLN A 70 0.73 -15.59 -0.42
CA GLN A 70 1.75 -14.94 0.38
C GLN A 70 1.36 -14.90 1.86
N LEU A 71 0.07 -14.67 2.14
CA LEU A 71 -0.38 -14.59 3.52
C LEU A 71 -0.28 -15.95 4.18
N LEU A 72 -0.77 -16.99 3.52
CA LEU A 72 -0.72 -18.32 4.13
C LEU A 72 0.71 -18.79 4.32
N TYR A 73 1.58 -18.53 3.34
CA TYR A 73 2.99 -18.83 3.52
C TYR A 73 3.55 -18.11 4.74
N SER A 74 3.26 -16.80 4.84
CA SER A 74 3.77 -16.04 5.97
C SER A 74 3.30 -16.61 7.30
N LEU A 75 2.01 -16.98 7.38
CA LEU A 75 1.48 -17.48 8.64
C LEU A 75 2.09 -18.83 9.01
N ALA A 76 2.35 -19.69 8.02
CA ALA A 76 3.01 -20.96 8.27
C ALA A 76 4.45 -20.75 8.76
N LYS A 77 5.12 -19.71 8.26
CA LYS A 77 6.47 -19.39 8.72
C LYS A 77 6.47 -18.71 10.09
N ALA A 78 5.46 -17.91 10.37
CA ALA A 78 5.47 -17.07 11.56
C ALA A 78 5.22 -17.88 12.83
N ASN A 79 4.40 -18.92 12.72
CA ASN A 79 4.02 -19.74 13.87
C ASN A 79 4.11 -21.21 13.50
N THR A 80 4.48 -22.04 14.46
CA THR A 80 4.50 -23.46 14.21
C THR A 80 3.07 -24.02 14.22
N ALA A 81 2.94 -25.31 13.89
CA ALA A 81 1.62 -25.91 13.69
C ALA A 81 0.82 -26.03 14.98
N ASP A 82 1.46 -25.97 16.15
CA ASP A 82 0.70 -26.01 17.39
C ASP A 82 -0.22 -24.79 17.50
N THR A 83 0.15 -23.69 16.86
CA THR A 83 -0.74 -22.53 16.81
C THR A 83 -1.87 -22.82 15.84
N LYS A 84 -3.11 -22.84 16.36
CA LYS A 84 -4.28 -23.14 15.57
C LYS A 84 -5.07 -21.91 15.16
N GLU A 85 -5.00 -20.81 15.91
CA GLU A 85 -5.68 -19.59 15.52
C GLU A 85 -4.96 -18.40 16.08
N ILE A 86 -5.15 -17.25 15.41
CA ILE A 86 -4.43 -16.03 15.73
C ILE A 86 -5.33 -14.83 15.48
N ASN A 87 -4.95 -13.70 16.06
CA ASN A 87 -5.40 -12.39 15.63
C ASN A 87 -4.37 -11.85 14.66
N LEU A 88 -4.81 -11.25 13.56
CA LEU A 88 -3.93 -10.85 12.47
C LEU A 88 -3.99 -9.35 12.23
N THR A 89 -2.81 -8.73 12.20
CA THR A 89 -2.64 -7.38 11.71
C THR A 89 -2.05 -7.44 10.31
N LEU A 90 -2.82 -7.00 9.33
CA LEU A 90 -2.44 -7.11 7.93
C LEU A 90 -2.17 -5.72 7.40
N LEU A 91 -0.95 -5.48 6.94
CA LEU A 91 -0.52 -4.18 6.43
C LEU A 91 -0.40 -4.24 4.92
N LEU A 92 -1.03 -3.28 4.25
CA LEU A 92 -1.09 -3.26 2.80
C LEU A 92 -0.64 -1.90 2.28
N PRO A 93 -0.03 -1.86 1.09
CA PRO A 93 0.20 -0.56 0.43
C PRO A 93 -1.11 0.20 0.31
N ILE A 94 -1.02 1.53 0.45
CA ILE A 94 -2.24 2.33 0.61
C ILE A 94 -3.21 2.11 -0.55
N ILE A 95 -2.69 1.99 -1.77
CA ILE A 95 -3.56 1.80 -2.93
C ILE A 95 -4.40 0.54 -2.78
N GLN A 96 -3.82 -0.52 -2.25
CA GLN A 96 -4.55 -1.77 -2.11
C GLN A 96 -5.57 -1.73 -0.97
N MET A 97 -5.66 -0.62 -0.23
CA MET A 97 -6.61 -0.56 0.87
C MET A 97 -8.07 -0.59 0.42
N LYS A 98 -8.33 -0.38 -0.88
CA LYS A 98 -9.68 -0.53 -1.39
C LYS A 98 -10.12 -1.98 -1.43
N ASN A 99 -9.24 -2.92 -1.08
CA ASN A 99 -9.57 -4.33 -0.98
C ASN A 99 -9.91 -4.75 0.44
N LYS A 100 -9.83 -3.83 1.41
CA LYS A 100 -10.03 -4.19 2.80
C LYS A 100 -11.33 -4.97 3.00
N THR A 101 -12.44 -4.45 2.47
CA THR A 101 -13.73 -5.07 2.74
C THR A 101 -13.76 -6.51 2.27
N ARG A 102 -13.26 -6.77 1.06
CA ARG A 102 -13.21 -8.13 0.56
C ARG A 102 -12.31 -9.01 1.40
N LEU A 103 -11.18 -8.46 1.85
CA LEU A 103 -10.23 -9.24 2.65
C LEU A 103 -10.82 -9.61 4.01
N ILE A 104 -11.53 -8.67 4.65
CA ILE A 104 -12.13 -8.99 5.95
C ILE A 104 -13.13 -10.12 5.81
N GLU A 105 -13.97 -10.07 4.77
CA GLU A 105 -14.95 -11.12 4.58
C GLU A 105 -14.29 -12.45 4.27
N THR A 106 -13.17 -12.42 3.56
CA THR A 106 -12.45 -13.65 3.27
C THR A 106 -11.87 -14.26 4.53
N LEU A 107 -11.31 -13.42 5.42
CA LEU A 107 -10.42 -13.88 6.46
C LEU A 107 -11.06 -13.97 7.84
N LYS A 108 -11.89 -13.01 8.23
CA LYS A 108 -12.29 -12.93 9.63
C LYS A 108 -13.12 -14.14 10.03
N GLY A 109 -12.67 -14.83 11.08
CA GLY A 109 -13.39 -15.98 11.61
C GLY A 109 -13.30 -17.21 10.74
N GLU A 110 -12.37 -17.24 9.79
CA GLU A 110 -12.29 -18.33 8.83
C GLU A 110 -11.06 -19.17 9.06
N ASN A 111 -11.21 -20.48 8.82
CA ASN A 111 -10.10 -21.43 8.86
C ASN A 111 -9.60 -21.70 7.44
N PHE A 112 -8.29 -21.90 7.32
CA PHE A 112 -7.65 -22.11 6.02
C PHE A 112 -6.80 -23.36 6.09
N LYS A 113 -7.04 -24.27 5.15
CA LYS A 113 -6.26 -25.50 4.99
C LYS A 113 -5.43 -25.35 3.74
N PHE A 114 -4.14 -25.64 3.85
CA PHE A 114 -3.23 -25.47 2.73
C PHE A 114 -2.00 -26.33 2.94
N LYS A 115 -1.23 -26.48 1.88
CA LYS A 115 0.05 -27.19 1.92
C LYS A 115 1.17 -26.18 1.89
N PHE A 116 2.09 -26.29 2.85
CA PHE A 116 3.20 -25.37 3.02
C PHE A 116 4.49 -26.17 2.87
N ASN A 117 5.26 -25.88 1.81
CA ASN A 117 6.46 -26.64 1.48
C ASN A 117 6.18 -28.12 1.60
N GLY A 118 5.01 -28.53 1.12
CA GLY A 118 4.62 -29.92 1.07
C GLY A 118 3.98 -30.48 2.32
N ILE A 119 3.79 -29.66 3.36
CA ILE A 119 3.21 -30.10 4.63
C ILE A 119 1.83 -29.51 4.80
N ASP A 120 0.86 -30.34 5.17
CA ASP A 120 -0.48 -29.88 5.49
C ASP A 120 -0.42 -28.96 6.70
N ARG A 121 -0.95 -27.75 6.55
CA ARG A 121 -1.01 -26.79 7.63
C ARG A 121 -2.43 -26.23 7.69
N GLU A 122 -2.74 -25.60 8.83
N GLU A 122 -2.78 -25.64 8.83
CA GLU A 122 -4.04 -25.01 9.07
CA GLU A 122 -4.05 -24.95 8.94
C GLU A 122 -3.85 -23.77 9.93
C GLU A 122 -3.93 -23.82 9.95
N ILE A 123 -4.65 -22.74 9.67
CA ILE A 123 -4.64 -21.54 10.50
C ILE A 123 -6.02 -20.88 10.44
N LYS A 124 -6.53 -20.52 11.60
CA LYS A 124 -7.80 -19.81 11.68
C LYS A 124 -7.51 -18.37 12.08
N ILE A 125 -8.16 -17.43 11.41
CA ILE A 125 -8.07 -16.01 11.73
C ILE A 125 -9.26 -15.68 12.63
N ASN A 126 -8.98 -15.36 13.89
CA ASN A 126 -10.03 -14.94 14.81
C ASN A 126 -10.44 -13.51 14.47
N ASP A 127 -9.70 -12.54 15.00
CA ASP A 127 -9.95 -11.14 14.70
C ASP A 127 -8.87 -10.63 13.76
N LEU A 128 -9.13 -9.47 13.16
CA LEU A 128 -8.32 -8.99 12.06
C LEU A 128 -8.32 -7.47 12.01
N MET A 129 -7.17 -6.89 11.65
N MET A 129 -7.15 -6.90 11.76
CA MET A 129 -7.01 -5.46 11.50
CA MET A 129 -6.97 -5.48 11.49
C MET A 129 -6.23 -5.19 10.22
C MET A 129 -6.29 -5.34 10.14
N VAL A 130 -6.88 -4.53 9.26
CA VAL A 130 -6.29 -4.24 7.96
C VAL A 130 -5.98 -2.75 7.90
N LEU A 131 -4.71 -2.42 7.70
CA LEU A 131 -4.25 -1.04 7.82
C LEU A 131 -3.19 -0.72 6.79
N PRO A 132 -3.04 0.55 6.40
CA PRO A 132 -2.07 0.89 5.37
C PRO A 132 -0.64 0.92 5.91
N GLU A 133 0.30 0.44 5.08
CA GLU A 133 1.72 0.55 5.39
C GLU A 133 2.03 1.97 5.84
N GLY A 134 2.88 2.08 6.86
CA GLY A 134 3.12 3.31 7.56
C GLY A 134 2.65 3.29 8.99
N TYR A 135 1.72 2.38 9.30
CA TYR A 135 1.28 2.14 10.65
C TYR A 135 2.46 1.98 11.59
N ALA A 136 2.44 2.78 12.66
CA ALA A 136 3.39 2.75 13.77
C ALA A 136 4.75 3.35 13.43
N SER A 137 4.96 3.75 12.18
CA SER A 137 6.23 4.37 11.79
C SER A 137 6.06 5.79 11.26
N TYR A 138 5.03 6.06 10.46
CA TYR A 138 4.77 7.40 9.94
C TYR A 138 3.46 8.00 10.40
N TYR A 139 2.54 7.20 10.93
CA TYR A 139 1.34 7.70 11.58
C TYR A 139 1.05 6.81 12.76
N SER A 140 0.32 7.35 13.72
CA SER A 140 -0.04 6.63 14.92
C SER A 140 -1.56 6.55 15.05
N LEU A 141 -2.03 5.42 15.55
CA LEU A 141 -3.42 5.21 15.90
C LEU A 141 -3.47 4.65 17.31
N ASP A 142 -4.38 5.14 18.12
CA ASP A 142 -4.52 4.68 19.50
C ASP A 142 -6.00 4.57 19.89
N GLY A 148 -5.16 9.29 15.67
CA GLY A 148 -6.27 8.44 15.28
C GLY A 148 -7.23 9.04 14.25
N ASP A 149 -6.89 10.24 13.79
CA ASP A 149 -7.55 10.88 12.67
C ASP A 149 -6.46 11.13 11.62
N VAL A 150 -6.30 10.18 10.70
CA VAL A 150 -5.21 10.20 9.73
C VAL A 150 -5.80 10.17 8.33
N CYS A 151 -5.25 10.98 7.44
CA CYS A 151 -5.62 10.93 6.02
C CYS A 151 -4.34 10.71 5.22
N ILE A 152 -4.29 9.63 4.44
CA ILE A 152 -3.19 9.38 3.52
C ILE A 152 -3.70 9.69 2.12
N LEU A 153 -3.03 10.64 1.45
CA LEU A 153 -3.36 11.02 0.07
C LEU A 153 -2.23 10.56 -0.83
N ASP A 154 -2.49 9.53 -1.65
CA ASP A 154 -1.52 9.02 -2.60
C ASP A 154 -1.79 9.70 -3.93
N LEU A 155 -0.93 10.64 -4.32
CA LEU A 155 -1.12 11.39 -5.56
C LEU A 155 -0.27 10.71 -6.62
N GLY A 156 -0.91 9.91 -7.47
CA GLY A 156 -0.23 9.14 -8.48
C GLY A 156 -0.22 9.80 -9.84
N SER A 157 0.23 9.04 -10.84
CA SER A 157 0.31 9.57 -12.19
CA SER A 157 0.32 9.56 -12.19
C SER A 157 -1.07 9.79 -12.78
N ARG A 158 -2.01 8.89 -12.50
CA ARG A 158 -3.34 8.95 -13.07
C ARG A 158 -4.46 9.08 -12.05
N THR A 159 -4.20 8.75 -10.79
CA THR A 159 -5.25 8.60 -9.80
CA THR A 159 -5.27 8.66 -9.81
C THR A 159 -4.78 9.13 -8.45
N ILE A 160 -5.71 9.74 -7.72
CA ILE A 160 -5.57 10.05 -6.31
C ILE A 160 -6.23 8.94 -5.52
N ASN A 161 -5.50 8.33 -4.60
CA ASN A 161 -6.08 7.36 -3.68
C ASN A 161 -6.13 8.00 -2.30
N ILE A 162 -7.32 8.03 -1.71
CA ILE A 162 -7.53 8.62 -0.40
C ILE A 162 -7.84 7.50 0.58
N CYS A 163 -7.15 7.49 1.71
CA CYS A 163 -7.47 6.59 2.81
C CYS A 163 -7.64 7.43 4.07
N VAL A 164 -8.82 7.35 4.66
CA VAL A 164 -9.15 8.13 5.86
C VAL A 164 -9.35 7.16 7.01
N LEU A 165 -8.59 7.36 8.08
CA LEU A 165 -8.69 6.60 9.32
C LEU A 165 -9.19 7.54 10.40
N GLU A 166 -10.42 7.32 10.86
CA GLU A 166 -11.11 8.21 11.79
C GLU A 166 -11.58 7.44 13.01
N ASN A 167 -11.36 8.01 14.19
CA ASN A 167 -11.50 7.27 15.45
C ASN A 167 -10.77 5.92 15.35
N ALA A 168 -9.68 5.89 14.60
CA ALA A 168 -8.75 4.77 14.47
C ALA A 168 -9.28 3.65 13.59
N LYS A 169 -10.37 3.85 12.85
CA LYS A 169 -10.80 2.86 11.86
C LYS A 169 -11.05 3.54 10.52
N ILE A 170 -11.01 2.74 9.46
CA ILE A 170 -11.17 3.28 8.11
C ILE A 170 -12.62 3.69 7.92
N VAL A 171 -12.85 4.95 7.60
CA VAL A 171 -14.17 5.44 7.27
C VAL A 171 -14.35 5.66 5.78
N LYS A 172 -13.28 5.76 5.01
CA LYS A 172 -13.38 5.99 3.59
C LYS A 172 -12.11 5.52 2.89
N THR A 173 -12.30 4.84 1.76
CA THR A 173 -11.32 4.78 0.69
C THR A 173 -12.01 5.30 -0.56
N ASN A 174 -11.36 6.21 -1.28
CA ASN A 174 -11.93 6.77 -2.48
C ASN A 174 -10.82 6.94 -3.51
N THR A 175 -11.20 6.96 -4.78
CA THR A 175 -10.27 7.18 -5.87
C THR A 175 -10.80 8.30 -6.75
N ILE A 176 -9.89 9.10 -7.28
CA ILE A 176 -10.22 10.24 -8.14
C ILE A 176 -9.32 10.15 -9.37
N LYS A 177 -9.92 10.33 -10.55
CA LYS A 177 -9.18 10.26 -11.81
C LYS A 177 -8.54 11.61 -12.11
N LEU A 178 -7.43 11.88 -11.42
CA LEU A 178 -6.67 13.11 -11.58
C LEU A 178 -5.24 12.81 -11.15
N GLY A 179 -4.25 13.20 -11.96
CA GLY A 179 -2.88 12.93 -11.59
C GLY A 179 -1.93 13.79 -12.40
N SER A 180 -0.64 13.56 -12.18
CA SER A 180 0.37 14.31 -12.94
C SER A 180 0.19 14.15 -14.44
N PHE A 181 -0.32 13.00 -14.89
CA PHE A 181 -0.59 12.83 -16.31
C PHE A 181 -1.42 13.99 -16.84
N ASP A 182 -2.38 14.46 -16.05
CA ASP A 182 -3.19 15.59 -16.48
C ASP A 182 -2.39 16.90 -16.48
N PHE A 183 -1.49 17.07 -15.51
CA PHE A 183 -0.64 18.26 -15.51
C PHE A 183 0.28 18.28 -16.71
N TYR A 184 0.87 17.11 -17.05
CA TYR A 184 1.77 17.04 -18.19
C TYR A 184 1.01 17.23 -19.49
N SER A 185 -0.29 16.87 -19.52
CA SER A 185 -1.14 17.13 -20.69
C SER A 185 -1.41 18.61 -20.85
N LYS A 186 -1.50 19.38 -19.75
CA LYS A 186 -1.67 20.84 -19.82
C LYS A 186 -0.38 21.52 -20.29
N ILE A 187 0.76 21.13 -19.73
CA ILE A 187 2.06 21.63 -20.18
C ILE A 187 2.35 21.30 -21.65
N LYS A 188 2.11 20.04 -22.06
CA LYS A 188 2.22 19.63 -23.46
C LYS A 188 1.44 20.56 -24.38
N SER A 189 0.16 20.84 -24.05
CA SER A 189 -0.64 21.73 -24.89
C SER A 189 0.06 23.07 -25.07
N LEU A 190 0.49 23.69 -23.97
CA LEU A 190 1.14 24.99 -24.05
C LEU A 190 2.39 24.94 -24.91
N GLU A 191 3.17 23.86 -24.79
CA GLU A 191 4.42 23.77 -25.53
C GLU A 191 4.19 23.60 -27.03
N ASN A 192 3.28 22.70 -27.40
CA ASN A 192 2.98 22.49 -28.82
C ASN A 192 2.38 23.72 -29.47
N ALA A 193 1.68 24.56 -28.70
CA ALA A 193 1.21 25.83 -29.23
C ALA A 193 2.37 26.75 -29.56
N LYS A 194 3.56 26.45 -29.05
CA LYS A 194 4.77 27.17 -29.44
C LYS A 194 5.45 26.51 -30.65
N GLY A 195 4.81 25.53 -31.27
CA GLY A 195 5.41 24.84 -32.39
C GLY A 195 6.08 23.51 -32.06
N GLU A 196 6.06 23.10 -30.80
CA GLU A 196 6.61 21.81 -30.44
C GLU A 196 5.67 20.69 -30.86
N ASP A 197 6.17 19.46 -30.78
CA ASP A 197 5.41 18.26 -31.13
C ASP A 197 5.66 17.14 -30.11
N TYR A 198 5.45 17.48 -28.84
CA TYR A 198 5.65 16.53 -27.76
C TYR A 198 4.39 15.70 -27.52
N ILE A 199 4.59 14.55 -26.88
CA ILE A 199 3.49 13.79 -26.27
C ILE A 199 3.65 13.81 -24.75
N GLU A 200 2.66 13.25 -24.05
CA GLU A 200 2.64 13.39 -22.60
C GLU A 200 3.86 12.74 -21.94
N GLU A 201 4.27 11.58 -22.44
CA GLU A 201 5.34 10.83 -21.78
C GLU A 201 6.68 11.53 -21.90
N ASP A 202 6.83 12.49 -22.82
CA ASP A 202 8.10 13.20 -22.95
C ASP A 202 8.27 14.28 -21.90
N ILE A 203 7.17 14.75 -21.31
CA ILE A 203 7.15 16.06 -20.66
C ILE A 203 7.99 16.06 -19.38
N GLN A 204 7.79 15.08 -18.50
CA GLN A 204 8.46 15.08 -17.21
CA GLN A 204 8.47 15.11 -17.21
C GLN A 204 9.97 15.25 -17.38
N ASP A 205 10.58 14.44 -18.24
CA ASP A 205 12.03 14.50 -18.40
C ASP A 205 12.49 15.82 -19.00
N LEU A 206 11.65 16.44 -19.84
CA LEU A 206 12.04 17.70 -20.45
C LEU A 206 11.98 18.85 -19.45
N ILE A 207 11.06 18.78 -18.48
CA ILE A 207 11.05 19.79 -17.43
C ILE A 207 12.30 19.65 -16.57
N ASP A 208 12.67 18.40 -16.24
CA ASP A 208 13.82 18.16 -15.37
C ASP A 208 15.08 18.83 -15.91
N ASN A 209 15.36 18.65 -17.19
CA ASN A 209 16.62 19.11 -17.77
C ASN A 209 16.54 20.49 -18.39
N GLY A 210 15.39 21.16 -18.31
CA GLY A 210 15.30 22.54 -18.70
C GLY A 210 14.84 22.82 -20.12
N LEU A 211 14.62 21.78 -20.93
CA LEU A 211 14.08 22.01 -22.26
C LEU A 211 12.67 22.56 -22.23
N ILE A 212 11.94 22.36 -21.12
CA ILE A 212 10.64 22.97 -20.92
C ILE A 212 10.68 23.71 -19.59
N LYS A 213 10.38 24.99 -19.61
CA LYS A 213 10.31 25.80 -18.40
C LYS A 213 8.88 25.86 -17.90
N VAL A 214 8.70 25.70 -16.60
CA VAL A 214 7.37 25.72 -16.00
C VAL A 214 7.39 26.74 -14.86
N ASP A 215 6.48 27.70 -14.92
CA ASP A 215 6.37 28.74 -13.90
C ASP A 215 5.72 28.19 -12.64
N SER A 216 6.17 28.71 -11.48
CA SER A 216 5.62 28.27 -10.22
C SER A 216 4.10 28.45 -10.18
N LYS A 217 3.57 29.41 -10.95
CA LYS A 217 2.13 29.60 -10.98
C LYS A 217 1.41 28.38 -11.53
N GLN A 218 2.01 27.66 -12.47
CA GLN A 218 1.36 26.51 -13.08
C GLN A 218 1.25 25.36 -12.07
N TYR A 219 2.28 25.19 -11.24
CA TYR A 219 2.22 24.17 -10.21
C TYR A 219 1.17 24.52 -9.17
N ILE A 220 1.04 25.80 -8.84
CA ILE A 220 0.08 26.22 -7.82
C ILE A 220 -1.33 25.96 -8.28
N GLU A 221 -1.62 26.24 -9.55
CA GLU A 221 -2.96 25.99 -10.09
C GLU A 221 -3.28 24.51 -10.07
N PHE A 222 -2.31 23.65 -10.43
CA PHE A 222 -2.54 22.22 -10.41
C PHE A 222 -2.77 21.72 -8.98
N LEU A 223 -1.99 22.21 -8.02
CA LEU A 223 -2.25 21.84 -6.63
C LEU A 223 -3.65 22.25 -6.21
N SER A 224 -4.12 23.42 -6.64
CA SER A 224 -5.47 23.87 -6.28
C SER A 224 -6.53 22.98 -6.91
N ASP A 225 -6.28 22.44 -8.10
CA ASP A 225 -7.23 21.52 -8.70
C ASP A 225 -7.29 20.21 -7.94
N ILE A 226 -6.15 19.73 -7.46
CA ILE A 226 -6.13 18.52 -6.64
C ILE A 226 -6.93 18.74 -5.36
N LEU A 227 -6.63 19.83 -4.66
CA LEU A 227 -7.29 20.08 -3.38
C LEU A 227 -8.80 20.22 -3.56
N ASN A 228 -9.22 20.85 -4.66
CA ASN A 228 -10.66 21.00 -4.89
C ASN A 228 -11.31 19.69 -5.30
N ALA A 229 -10.55 18.78 -5.91
CA ALA A 229 -11.09 17.46 -6.22
C ALA A 229 -11.20 16.60 -4.97
N VAL A 230 -10.36 16.87 -3.97
CA VAL A 230 -10.39 16.10 -2.72
C VAL A 230 -11.47 16.61 -1.76
N ASP A 231 -11.82 17.89 -1.86
CA ASP A 231 -12.72 18.54 -0.90
C ASP A 231 -14.04 17.82 -0.72
N PRO A 232 -14.69 17.32 -1.77
CA PRO A 232 -15.99 16.65 -1.55
C PRO A 232 -15.87 15.43 -0.66
N TYR A 233 -14.70 14.83 -0.57
CA TYR A 233 -14.51 13.58 0.14
C TYR A 233 -13.94 13.77 1.55
N VAL A 234 -13.10 14.77 1.77
CA VAL A 234 -12.40 14.86 3.05
C VAL A 234 -11.96 16.29 3.28
N ASP A 235 -12.05 16.72 4.55
CA ASP A 235 -11.61 18.05 5.01
C ASP A 235 -10.22 17.87 5.61
N LEU A 236 -9.18 18.19 4.82
CA LEU A 236 -7.82 17.85 5.21
C LEU A 236 -7.40 18.56 6.50
N LYS A 237 -7.98 19.73 6.80
CA LYS A 237 -7.65 20.42 8.03
C LYS A 237 -7.97 19.58 9.26
N THR A 238 -8.95 18.69 9.15
CA THR A 238 -9.40 17.94 10.31
C THR A 238 -8.58 16.69 10.57
N TYR A 239 -7.64 16.34 9.69
CA TYR A 239 -6.88 15.11 9.81
C TYR A 239 -5.39 15.40 9.87
N ASN A 240 -4.66 14.46 10.44
CA ASN A 240 -3.22 14.36 10.24
C ASN A 240 -2.98 13.81 8.85
N THR A 241 -2.63 14.68 7.90
CA THR A 241 -2.62 14.33 6.48
C THR A 241 -1.20 14.06 5.98
N ILE A 242 -1.02 12.93 5.32
CA ILE A 242 0.26 12.58 4.70
C ILE A 242 0.08 12.56 3.20
N PHE A 243 0.79 13.44 2.50
CA PHE A 243 0.84 13.44 1.04
C PHE A 243 1.92 12.46 0.60
N THR A 244 1.57 11.49 -0.23
CA THR A 244 2.55 10.58 -0.79
CA THR A 244 2.52 10.53 -0.78
C THR A 244 2.34 10.47 -2.29
N GLY A 245 3.19 9.68 -2.96
CA GLY A 245 3.13 9.50 -4.40
C GLY A 245 4.01 10.46 -5.19
N GLY A 246 4.29 10.08 -6.43
CA GLY A 246 5.18 10.87 -7.26
C GLY A 246 4.69 12.28 -7.54
N THR A 247 3.37 12.47 -7.60
CA THR A 247 2.84 13.81 -7.78
C THR A 247 3.04 14.67 -6.54
N SER A 248 3.13 14.06 -5.35
CA SER A 248 3.47 14.83 -4.16
CA SER A 248 3.47 14.83 -4.16
C SER A 248 4.92 15.31 -4.19
N LEU A 249 5.79 14.56 -4.87
CA LEU A 249 7.17 15.03 -5.04
C LEU A 249 7.19 16.25 -5.94
N MET A 250 6.47 16.19 -7.06
CA MET A 250 6.41 17.30 -8.01
C MET A 250 5.93 18.57 -7.32
N LEU A 251 5.06 18.45 -6.32
CA LEU A 251 4.41 19.60 -5.71
C LEU A 251 4.87 19.85 -4.27
N LYS A 252 5.97 19.23 -3.84
CA LYS A 252 6.33 19.27 -2.43
C LYS A 252 6.44 20.70 -1.90
N GLU A 253 7.26 21.52 -2.56
CA GLU A 253 7.50 22.87 -2.03
C GLU A 253 6.21 23.67 -1.96
N TYR A 254 5.28 23.46 -2.89
CA TYR A 254 4.02 24.19 -2.85
C TYR A 254 3.05 23.60 -1.83
N ILE A 255 3.08 22.28 -1.64
CA ILE A 255 2.23 21.69 -0.62
C ILE A 255 2.63 22.19 0.77
N GLU A 256 3.93 22.31 1.01
CA GLU A 256 4.43 22.74 2.31
C GLU A 256 4.09 24.20 2.62
N LYS A 257 3.52 24.93 1.67
CA LYS A 257 3.07 26.29 1.91
C LYS A 257 1.57 26.38 2.16
N LEU A 258 0.89 25.25 2.28
CA LEU A 258 -0.56 25.29 2.38
C LEU A 258 -1.02 25.55 3.81
N PRO A 259 -2.21 26.12 3.98
CA PRO A 259 -2.79 26.29 5.33
C PRO A 259 -3.36 24.99 5.90
N LEU A 260 -2.46 24.08 6.26
CA LEU A 260 -2.82 22.82 6.89
C LEU A 260 -2.00 22.66 8.16
N ASN A 261 -2.68 22.43 9.29
CA ASN A 261 -1.99 22.33 10.57
C ASN A 261 -1.08 21.10 10.61
N LYS A 262 -1.67 19.91 10.71
CA LYS A 262 -0.93 18.66 10.90
C LYS A 262 -0.86 17.94 9.57
N PHE A 263 0.31 17.99 8.93
CA PHE A 263 0.49 17.30 7.65
C PHE A 263 1.97 17.02 7.42
N LYS A 264 2.25 16.37 6.29
CA LYS A 264 3.57 15.88 5.96
C LYS A 264 3.60 15.46 4.50
N VAL A 265 4.76 15.63 3.87
CA VAL A 265 4.98 15.18 2.51
C VAL A 265 6.04 14.09 2.53
N HIS A 266 5.67 12.91 2.07
CA HIS A 266 6.56 11.74 2.01
C HIS A 266 6.26 11.06 0.70
N PRO A 267 6.89 11.47 -0.41
CA PRO A 267 6.50 10.97 -1.72
CA PRO A 267 6.49 10.96 -1.71
C PRO A 267 6.76 9.48 -1.91
N ASN A 268 7.80 8.92 -1.28
CA ASN A 268 8.06 7.50 -1.45
C ASN A 268 7.06 6.65 -0.66
N ALA A 269 6.93 5.39 -1.08
CA ALA A 269 6.00 4.48 -0.42
C ALA A 269 6.23 4.47 1.09
N LEU A 270 5.15 4.54 1.84
CA LEU A 270 5.26 4.44 3.29
C LEU A 270 5.63 3.02 3.69
N THR A 271 6.39 2.90 4.77
CA THR A 271 6.80 1.61 5.31
C THR A 271 6.43 1.54 6.78
N SER A 272 6.32 0.31 7.28
CA SER A 272 6.02 0.04 8.67
C SER A 272 7.14 -0.78 9.29
N ASN A 273 7.57 -0.39 10.48
CA ASN A 273 8.36 -1.24 11.36
C ASN A 273 7.44 -2.36 11.86
N VAL A 274 7.63 -3.59 11.36
CA VAL A 274 6.67 -4.63 11.71
C VAL A 274 6.71 -4.94 13.20
N ASP A 275 7.86 -4.73 13.85
CA ASP A 275 7.91 -4.92 15.30
C ASP A 275 7.12 -3.83 16.01
N GLY A 276 7.23 -2.59 15.52
CA GLY A 276 6.41 -1.52 16.07
C GLY A 276 4.93 -1.79 15.86
N ALA A 277 4.57 -2.36 14.70
CA ALA A 277 3.19 -2.74 14.44
C ALA A 277 2.72 -3.85 15.37
N MET A 278 3.61 -4.78 15.71
CA MET A 278 3.23 -5.81 16.67
C MET A 278 2.97 -5.22 18.05
N GLU A 279 3.84 -4.32 18.51
CA GLU A 279 3.65 -3.73 19.84
C GLU A 279 2.34 -2.97 19.91
N ALA A 280 2.01 -2.22 18.85
CA ALA A 280 0.72 -1.54 18.80
C ALA A 280 -0.42 -2.56 18.83
N SER A 281 -0.25 -3.68 18.14
CA SER A 281 -1.29 -4.71 18.08
C SER A 281 -1.52 -5.36 19.44
N LYS A 282 -0.45 -5.57 20.21
CA LYS A 282 -0.60 -6.14 21.55
C LYS A 282 -1.43 -5.22 22.44
N LYS A 283 -1.34 -3.90 22.23
CA LYS A 283 -2.19 -2.99 22.98
C LYS A 283 -3.65 -3.14 22.59
N VAL A 284 -3.93 -3.52 21.34
CA VAL A 284 -5.31 -3.64 20.91
C VAL A 284 -5.95 -4.90 21.48
N TRP A 285 -5.20 -5.99 21.55
CA TRP A 285 -5.79 -7.29 21.83
C TRP A 285 -5.39 -7.89 23.18
N ASN A 286 -4.39 -7.32 23.85
CA ASN A 286 -4.00 -7.84 25.17
C ASN A 286 -4.28 -6.81 26.24
#